data_2PTK
#
_entry.id   2PTK
#
_cell.length_a   52.561
_cell.length_b   89.252
_cell.length_c   97.392
_cell.angle_alpha   90.00
_cell.angle_beta   90.00
_cell.angle_gamma   90.00
#
_symmetry.space_group_name_H-M   'P 21 21 21'
#
loop_
_entity.id
_entity.type
_entity.pdbx_description
1 polymer 'TYROSINE-PROTEIN KINASE TRANSFORMING PROTEIN SRC'
2 water water
#
_entity_poly.entity_id   1
_entity_poly.type   'polypeptide(L)'
_entity_poly.pdbx_seq_one_letter_code
;GGVTTFVALYDYESRTETDLSFKKGERLQIVNNTEGDWWLAHSLTTGQTGYIPSNYVAPSDSIQAEEWYFGKITRRESER
LLLNPENPRGTFLVRESETTKGAYCLSVSDFDNAKGLNVKHYKIRKLDSGGFYITSRTQFSSLQQLVAYYSKHADGLCHR
LTNVCPTSKPQTQGLAKDAWEIPRESLRLEVKLGQGCFGEVWMGTWNGTTRVAIKTLKPGNMSPEAFLQEAQVMKKLRHE
KLVQLYAVVSEEPIYIVTEYMSKGSLLDFLKGEMGKYLRLPQLVDMAAQIASGMAYVERMNYVHRDLRAANILVGENLVC
KVADFGLGRLIEDNEYTARQGAKFPIKWTAPEAALYGRFTIKSDVWSFGILLTELTTKGRVPYPGMVNREVLDQVERGYR
MPCPPECPESLHDLMCQCWRKDPEERPTFEYLQAFLEDYFTSTEPQ(PTR)QPGENL
;
_entity_poly.pdbx_strand_id   A
#
# COMPACT_ATOMS: atom_id res chain seq x y z
N VAL A 3 -21.53 26.64 -1.56
CA VAL A 3 -21.93 25.23 -1.34
C VAL A 3 -21.35 24.34 -2.43
N THR A 4 -20.42 24.90 -3.17
CA THR A 4 -19.75 24.16 -4.24
C THR A 4 -18.27 24.19 -3.89
N THR A 5 -17.98 24.80 -2.74
CA THR A 5 -16.63 24.93 -2.25
C THR A 5 -16.04 23.69 -1.65
N PHE A 6 -14.86 23.32 -2.15
CA PHE A 6 -14.13 22.17 -1.65
C PHE A 6 -12.92 22.70 -0.90
N VAL A 7 -12.22 21.82 -0.21
CA VAL A 7 -11.05 22.25 0.52
C VAL A 7 -9.91 21.29 0.25
N ALA A 8 -8.72 21.83 0.09
CA ALA A 8 -7.53 21.01 -0.17
C ALA A 8 -7.11 20.27 1.09
N LEU A 9 -7.01 18.96 0.99
CA LEU A 9 -6.62 18.12 2.13
C LEU A 9 -5.12 18.14 2.33
N TYR A 10 -4.40 18.35 1.22
CA TYR A 10 -2.93 18.42 1.23
C TYR A 10 -2.46 19.44 0.20
N ASP A 11 -1.19 19.82 0.30
CA ASP A 11 -0.57 20.79 -0.60
C ASP A 11 -0.19 20.12 -1.91
N TYR A 12 -0.61 20.71 -3.02
CA TYR A 12 -0.29 20.14 -4.34
C TYR A 12 0.42 21.12 -5.24
N GLU A 13 1.35 20.60 -6.05
CA GLU A 13 2.13 21.41 -6.98
C GLU A 13 1.84 21.00 -8.41
N SER A 14 1.70 22.00 -9.27
CA SER A 14 1.39 21.79 -10.69
C SER A 14 2.46 21.01 -11.47
N ARG A 15 2.02 20.38 -12.55
CA ARG A 15 2.90 19.61 -13.41
C ARG A 15 2.52 19.84 -14.86
N THR A 16 1.55 20.74 -15.07
CA THR A 16 1.10 21.06 -16.41
C THR A 16 0.55 22.48 -16.46
N GLU A 17 0.38 22.97 -17.69
CA GLU A 17 -0.16 24.30 -17.90
C GLU A 17 -1.65 24.27 -17.59
N THR A 18 -2.27 23.11 -17.77
CA THR A 18 -3.71 22.95 -17.54
C THR A 18 -4.13 22.66 -16.11
N ASP A 19 -3.25 22.05 -15.30
CA ASP A 19 -3.61 21.78 -13.92
C ASP A 19 -3.16 22.94 -13.05
N LEU A 20 -3.57 22.96 -11.79
CA LEU A 20 -3.19 24.06 -10.92
C LEU A 20 -2.78 23.66 -9.50
N SER A 21 -1.72 24.30 -9.00
CA SER A 21 -1.21 24.03 -7.67
C SER A 21 -2.09 24.69 -6.61
N PHE A 22 -2.09 24.11 -5.41
CA PHE A 22 -2.89 24.65 -4.31
C PHE A 22 -2.36 24.14 -2.97
N LYS A 23 -2.30 25.03 -1.97
CA LYS A 23 -1.80 24.64 -0.66
C LYS A 23 -2.91 24.04 0.20
N LYS A 24 -2.54 23.09 1.04
CA LYS A 24 -3.47 22.41 1.93
C LYS A 24 -4.34 23.41 2.68
N GLY A 25 -5.65 23.31 2.51
CA GLY A 25 -6.56 24.21 3.19
C GLY A 25 -7.30 25.13 2.25
N GLU A 26 -6.63 25.58 1.19
CA GLU A 26 -7.21 26.47 0.19
C GLU A 26 -8.64 26.06 -0.18
N ARG A 27 -9.48 27.05 -0.47
CA ARG A 27 -10.86 26.82 -0.83
C ARG A 27 -11.01 26.86 -2.35
N LEU A 28 -11.32 25.72 -2.95
CA LEU A 28 -11.49 25.63 -4.39
C LEU A 28 -12.97 25.62 -4.75
N GLN A 29 -13.28 26.02 -5.98
CA GLN A 29 -14.65 26.09 -6.48
C GLN A 29 -14.75 25.10 -7.65
N ILE A 30 -15.57 24.08 -7.52
CA ILE A 30 -15.69 23.04 -8.54
C ILE A 30 -17.17 22.79 -8.82
N VAL A 31 -17.67 23.17 -10.00
CA VAL A 31 -19.09 22.95 -10.36
C VAL A 31 -19.45 21.55 -10.79
N ASN A 32 -18.61 20.88 -11.56
CA ASN A 32 -19.08 19.56 -11.85
C ASN A 32 -18.12 18.58 -11.22
N ASN A 33 -18.57 18.06 -10.06
CA ASN A 33 -17.82 17.12 -9.25
C ASN A 33 -18.35 15.72 -9.51
N THR A 34 -18.46 15.37 -10.78
CA THR A 34 -18.89 14.04 -11.20
C THR A 34 -17.74 13.05 -10.96
N GLU A 35 -18.05 11.79 -10.68
CA GLU A 35 -16.98 10.81 -10.43
C GLU A 35 -15.90 10.90 -11.48
N GLY A 36 -14.69 11.24 -11.02
CA GLY A 36 -13.57 11.35 -11.95
C GLY A 36 -12.30 11.59 -11.18
N ASP A 37 -11.15 11.45 -11.83
CA ASP A 37 -9.88 11.65 -11.14
C ASP A 37 -9.37 13.08 -11.15
N TRP A 38 -9.78 13.83 -12.15
CA TRP A 38 -9.35 15.22 -12.24
C TRP A 38 -10.58 16.11 -12.47
N TRP A 39 -10.67 17.19 -11.70
CA TRP A 39 -11.77 18.13 -11.81
C TRP A 39 -11.22 19.52 -12.07
N LEU A 40 -11.90 20.27 -12.93
CA LEU A 40 -11.47 21.64 -13.20
C LEU A 40 -11.93 22.40 -11.97
N ALA A 41 -10.99 23.09 -11.33
CA ALA A 41 -11.32 23.83 -10.14
C ALA A 41 -10.83 25.26 -10.24
N HIS A 42 -11.39 26.10 -9.38
CA HIS A 42 -11.05 27.50 -9.32
C HIS A 42 -10.72 27.82 -7.87
N SER A 43 -9.52 28.33 -7.63
CA SER A 43 -9.11 28.65 -6.27
C SER A 43 -9.68 30.01 -5.88
N LEU A 44 -10.45 30.05 -4.80
CA LEU A 44 -11.02 31.31 -4.35
C LEU A 44 -9.91 32.12 -3.71
N THR A 45 -8.83 31.44 -3.38
CA THR A 45 -7.68 32.06 -2.73
C THR A 45 -6.75 32.74 -3.71
N THR A 46 -6.39 32.01 -4.77
CA THR A 46 -5.47 32.52 -5.77
C THR A 46 -6.15 33.10 -7.01
N GLY A 47 -7.39 32.70 -7.26
CA GLY A 47 -8.10 33.20 -8.43
C GLY A 47 -7.66 32.40 -9.64
N GLN A 48 -6.89 31.34 -9.36
CA GLN A 48 -6.35 30.43 -10.37
C GLN A 48 -7.35 29.34 -10.80
N THR A 49 -7.18 28.84 -12.02
CA THR A 49 -8.05 27.80 -12.56
C THR A 49 -7.24 26.70 -13.24
N GLY A 50 -7.67 25.45 -13.05
CA GLY A 50 -6.99 24.32 -13.65
C GLY A 50 -7.46 23.01 -13.02
N TYR A 51 -7.17 21.91 -13.69
CA TYR A 51 -7.55 20.59 -13.19
C TYR A 51 -6.82 20.25 -11.90
N ILE A 52 -7.49 19.47 -11.04
CA ILE A 52 -6.89 19.06 -9.78
C ILE A 52 -7.22 17.61 -9.49
N PRO A 53 -6.36 16.92 -8.74
CA PRO A 53 -6.65 15.51 -8.42
C PRO A 53 -7.82 15.49 -7.43
N SER A 54 -8.94 14.92 -7.86
CA SER A 54 -10.15 14.84 -7.07
C SER A 54 -9.96 14.36 -5.65
N ASN A 55 -9.08 13.38 -5.48
CA ASN A 55 -8.80 12.78 -4.17
C ASN A 55 -8.00 13.67 -3.22
N TYR A 56 -7.73 14.92 -3.62
CA TYR A 56 -6.95 15.84 -2.80
C TYR A 56 -7.81 16.93 -2.18
N VAL A 57 -9.13 16.78 -2.30
CA VAL A 57 -10.06 17.76 -1.75
C VAL A 57 -11.31 17.07 -1.15
N ALA A 58 -12.07 17.86 -0.41
CA ALA A 58 -13.30 17.41 0.24
C ALA A 58 -14.15 18.65 0.45
N PRO A 59 -15.49 18.50 0.43
CA PRO A 59 -16.36 19.66 0.63
C PRO A 59 -16.00 20.29 1.97
N SER A 60 -16.04 21.61 2.03
CA SER A 60 -15.68 22.34 3.24
C SER A 60 -16.60 22.06 4.43
N ASP A 61 -17.89 21.91 4.15
CA ASP A 61 -18.88 21.63 5.18
C ASP A 61 -19.08 20.13 5.31
N SER A 62 -17.99 19.37 5.24
CA SER A 62 -18.09 17.93 5.33
C SER A 62 -17.20 17.30 6.39
N ILE A 63 -17.55 16.07 6.79
CA ILE A 63 -16.79 15.35 7.79
C ILE A 63 -15.38 15.03 7.27
N GLN A 64 -15.28 14.83 5.96
CA GLN A 64 -14.00 14.53 5.33
C GLN A 64 -13.04 15.72 5.41
N ALA A 65 -13.57 16.91 5.64
CA ALA A 65 -12.77 18.12 5.75
C ALA A 65 -12.10 18.17 7.12
N GLU A 66 -12.49 17.24 8.00
CA GLU A 66 -11.93 17.18 9.34
C GLU A 66 -10.50 16.67 9.27
N GLU A 67 -9.57 17.49 9.73
CA GLU A 67 -8.16 17.11 9.71
C GLU A 67 -7.91 15.77 10.38
N TRP A 68 -8.87 15.33 11.20
CA TRP A 68 -8.73 14.06 11.93
C TRP A 68 -9.62 12.94 11.43
N TYR A 69 -10.35 13.18 10.34
CA TYR A 69 -11.19 12.14 9.80
C TYR A 69 -10.48 11.55 8.61
N PHE A 70 -10.06 10.30 8.73
CA PHE A 70 -9.35 9.66 7.64
C PHE A 70 -10.25 8.85 6.72
N GLY A 71 -11.55 8.91 6.99
CA GLY A 71 -12.51 8.21 6.16
C GLY A 71 -12.45 6.70 6.16
N LYS A 72 -12.21 6.12 4.99
CA LYS A 72 -12.15 4.66 4.85
C LYS A 72 -10.74 4.09 4.90
N ILE A 73 -9.91 4.66 5.76
CA ILE A 73 -8.54 4.19 5.93
C ILE A 73 -8.63 2.85 6.64
N THR A 74 -7.85 1.88 6.19
CA THR A 74 -7.87 0.57 6.81
C THR A 74 -7.28 0.62 8.22
N ARG A 75 -7.70 -0.30 9.07
CA ARG A 75 -7.19 -0.38 10.44
C ARG A 75 -5.66 -0.53 10.50
N ARG A 76 -5.10 -1.24 9.54
CA ARG A 76 -3.65 -1.47 9.49
C ARG A 76 -2.88 -0.26 9.03
N GLU A 77 -3.38 0.44 8.04
CA GLU A 77 -2.68 1.62 7.54
C GLU A 77 -2.80 2.73 8.57
N SER A 78 -3.88 2.68 9.36
CA SER A 78 -4.09 3.67 10.41
C SER A 78 -3.05 3.42 11.49
N GLU A 79 -2.78 2.15 11.74
CA GLU A 79 -1.77 1.79 12.73
C GLU A 79 -0.42 2.24 12.22
N ARG A 80 -0.13 1.94 10.95
CA ARG A 80 1.14 2.32 10.36
C ARG A 80 1.34 3.80 10.60
N LEU A 81 0.36 4.61 10.23
CA LEU A 81 0.46 6.03 10.41
C LEU A 81 0.58 6.39 11.89
N LEU A 82 -0.33 5.85 12.70
CA LEU A 82 -0.32 6.12 14.12
C LEU A 82 0.93 5.58 14.83
N LEU A 83 1.59 4.61 14.22
CA LEU A 83 2.80 4.02 14.81
C LEU A 83 4.08 4.84 14.65
N ASN A 84 3.99 5.99 14.01
CA ASN A 84 5.17 6.85 13.85
C ASN A 84 5.69 7.21 15.24
N PRO A 85 6.99 7.02 15.49
CA PRO A 85 7.58 7.34 16.80
C PRO A 85 7.40 8.80 17.21
N GLU A 86 7.42 9.71 16.25
CA GLU A 86 7.24 11.12 16.57
C GLU A 86 5.76 11.44 16.71
N ASN A 87 5.08 10.66 17.53
CA ASN A 87 3.65 10.86 17.76
C ASN A 87 3.34 10.56 19.21
N PRO A 88 3.12 11.60 20.02
CA PRO A 88 2.82 11.42 21.45
C PRO A 88 1.65 10.48 21.68
N ARG A 89 1.56 9.96 22.90
CA ARG A 89 0.46 9.07 23.25
C ARG A 89 -0.77 9.90 22.97
N GLY A 90 -1.88 9.26 22.65
CA GLY A 90 -3.08 10.01 22.38
C GLY A 90 -3.20 10.56 20.97
N THR A 91 -2.23 10.26 20.10
CA THR A 91 -2.33 10.72 18.72
C THR A 91 -3.47 9.89 18.15
N PHE A 92 -4.42 10.53 17.50
CA PHE A 92 -5.58 9.80 16.99
C PHE A 92 -6.03 10.13 15.58
N LEU A 93 -7.10 9.46 15.20
CA LEU A 93 -7.72 9.67 13.92
C LEU A 93 -9.08 9.02 14.07
N VAL A 94 -10.01 9.36 13.20
CA VAL A 94 -11.35 8.79 13.23
C VAL A 94 -11.60 8.28 11.82
N ARG A 95 -12.16 7.08 11.71
CA ARG A 95 -12.40 6.51 10.39
C ARG A 95 -13.64 5.62 10.36
N GLU A 96 -13.92 5.06 9.20
CA GLU A 96 -15.06 4.17 9.05
C GLU A 96 -14.57 2.75 9.31
N SER A 97 -15.23 2.05 10.22
CA SER A 97 -14.85 0.68 10.54
C SER A 97 -15.17 -0.24 9.35
N GLU A 98 -14.14 -0.74 8.70
CA GLU A 98 -14.31 -1.62 7.53
C GLU A 98 -14.91 -2.99 7.83
N THR A 99 -15.10 -3.31 9.10
CA THR A 99 -15.69 -4.59 9.50
C THR A 99 -17.16 -4.36 9.78
N THR A 100 -17.49 -4.03 11.03
CA THR A 100 -18.88 -3.76 11.41
C THR A 100 -19.29 -2.51 10.62
N LYS A 101 -19.72 -2.73 9.39
CA LYS A 101 -20.13 -1.66 8.51
C LYS A 101 -21.08 -0.65 9.15
N GLY A 102 -21.10 0.55 8.59
CA GLY A 102 -21.96 1.60 9.10
C GLY A 102 -21.32 2.27 10.30
N ALA A 103 -20.70 1.45 11.14
CA ALA A 103 -20.04 1.94 12.34
C ALA A 103 -18.82 2.77 12.01
N TYR A 104 -18.31 3.46 13.03
CA TYR A 104 -17.13 4.31 12.88
C TYR A 104 -16.08 3.85 13.88
N CYS A 105 -14.85 4.34 13.71
CA CYS A 105 -13.78 3.95 14.60
C CYS A 105 -12.83 5.07 15.00
N LEU A 106 -12.35 5.00 16.24
CA LEU A 106 -11.43 5.98 16.79
C LEU A 106 -10.15 5.24 17.13
N SER A 107 -9.09 5.45 16.37
CA SER A 107 -7.84 4.76 16.62
C SER A 107 -6.87 5.67 17.36
N VAL A 108 -6.46 5.25 18.54
CA VAL A 108 -5.55 6.06 19.36
C VAL A 108 -4.23 5.37 19.69
N SER A 109 -3.14 6.10 19.57
CA SER A 109 -1.83 5.54 19.88
C SER A 109 -1.56 5.61 21.38
N ASP A 110 -0.80 4.64 21.89
CA ASP A 110 -0.44 4.61 23.32
C ASP A 110 1.04 4.31 23.51
N PHE A 111 1.40 3.78 24.68
CA PHE A 111 2.78 3.44 25.00
C PHE A 111 2.96 2.89 26.40
N ASP A 112 3.37 1.63 26.49
CA ASP A 112 3.62 0.98 27.77
C ASP A 112 4.78 0.01 27.58
N ASN A 113 5.81 0.15 28.40
CA ASN A 113 7.02 -0.69 28.33
C ASN A 113 6.76 -2.18 28.09
N ALA A 114 5.73 -2.72 28.72
CA ALA A 114 5.40 -4.14 28.57
C ALA A 114 4.65 -4.38 27.27
N LYS A 115 4.55 -3.33 26.44
CA LYS A 115 3.85 -3.41 25.17
C LYS A 115 4.46 -2.48 24.12
N GLY A 116 5.10 -1.42 24.57
CA GLY A 116 5.71 -0.47 23.64
C GLY A 116 4.63 0.26 22.88
N LEU A 117 4.98 0.78 21.70
CA LEU A 117 4.02 1.50 20.88
C LEU A 117 2.88 0.58 20.46
N ASN A 118 1.66 0.98 20.76
CA ASN A 118 0.51 0.20 20.36
C ASN A 118 -0.60 1.16 19.95
N VAL A 119 -1.67 0.61 19.37
CA VAL A 119 -2.79 1.42 18.92
C VAL A 119 -4.11 0.80 19.33
N LYS A 120 -4.88 1.54 20.12
CA LYS A 120 -6.19 1.06 20.59
C LYS A 120 -7.30 1.56 19.67
N HIS A 121 -8.13 0.63 19.21
CA HIS A 121 -9.21 0.97 18.32
C HIS A 121 -10.56 0.92 19.01
N TYR A 122 -11.09 2.11 19.29
CA TYR A 122 -12.38 2.24 19.96
C TYR A 122 -13.44 2.44 18.91
N LYS A 123 -14.35 1.50 18.81
CA LYS A 123 -15.43 1.58 17.85
C LYS A 123 -16.46 2.59 18.32
N ILE A 124 -16.94 3.41 17.39
CA ILE A 124 -17.95 4.42 17.68
C ILE A 124 -19.20 3.94 16.96
N ARG A 125 -20.27 3.69 17.70
CA ARG A 125 -21.51 3.24 17.08
C ARG A 125 -22.43 4.39 16.69
N LYS A 126 -22.58 4.60 15.39
CA LYS A 126 -23.44 5.65 14.86
C LYS A 126 -24.89 5.19 15.01
N LEU A 127 -25.42 5.38 16.21
CA LEU A 127 -26.79 5.00 16.49
C LEU A 127 -27.64 5.46 15.32
N ASP A 128 -28.48 4.57 14.79
CA ASP A 128 -29.35 4.90 13.66
C ASP A 128 -30.02 6.24 13.92
N SER A 129 -30.57 6.39 15.11
CA SER A 129 -31.24 7.61 15.49
C SER A 129 -30.31 8.82 15.51
N GLY A 130 -29.14 8.65 14.89
CA GLY A 130 -28.17 9.73 14.79
C GLY A 130 -27.07 9.65 15.82
N GLY A 131 -27.49 9.37 17.05
CA GLY A 131 -26.57 9.27 18.16
C GLY A 131 -25.21 8.70 17.82
N PHE A 132 -24.19 9.13 18.56
CA PHE A 132 -22.82 8.64 18.36
C PHE A 132 -22.23 8.25 19.71
N TYR A 133 -21.50 7.14 19.75
CA TYR A 133 -20.91 6.72 21.01
C TYR A 133 -19.82 5.65 20.96
N ILE A 134 -18.90 5.77 21.91
CA ILE A 134 -17.80 4.83 22.10
C ILE A 134 -18.28 4.00 23.27
N THR A 135 -19.23 4.57 23.99
CA THR A 135 -19.87 3.96 25.15
C THR A 135 -21.32 4.42 25.12
N SER A 136 -22.21 3.68 25.75
CA SER A 136 -23.61 4.07 25.77
C SER A 136 -23.85 5.20 26.77
N ARG A 137 -23.24 5.08 27.94
CA ARG A 137 -23.37 6.07 29.00
C ARG A 137 -22.89 7.45 28.57
N THR A 138 -22.46 7.58 27.32
CA THR A 138 -21.97 8.85 26.81
C THR A 138 -22.16 8.94 25.31
N GLN A 139 -23.08 9.79 24.88
CA GLN A 139 -23.36 9.96 23.45
C GLN A 139 -23.35 11.41 23.02
N PHE A 140 -23.21 11.61 21.72
CA PHE A 140 -23.16 12.94 21.11
C PHE A 140 -23.91 12.91 19.79
N SER A 141 -24.04 14.08 19.18
CA SER A 141 -24.75 14.17 17.91
C SER A 141 -23.79 14.15 16.74
N SER A 142 -22.55 14.51 16.99
CA SER A 142 -21.53 14.57 15.94
C SER A 142 -20.17 13.98 16.34
N LEU A 143 -19.46 13.40 15.37
CA LEU A 143 -18.15 12.84 15.66
C LEU A 143 -17.22 13.96 16.10
N GLN A 144 -17.53 15.16 15.62
CA GLN A 144 -16.74 16.34 15.94
C GLN A 144 -16.82 16.66 17.43
N GLN A 145 -17.98 16.37 18.04
CA GLN A 145 -18.18 16.64 19.46
C GLN A 145 -17.54 15.58 20.32
N LEU A 146 -17.77 14.31 19.98
CA LEU A 146 -17.18 13.20 20.73
C LEU A 146 -15.69 13.46 20.82
N VAL A 147 -15.07 13.72 19.67
CA VAL A 147 -13.65 13.99 19.62
C VAL A 147 -13.35 15.18 20.53
N ALA A 148 -14.18 16.21 20.43
CA ALA A 148 -14.01 17.40 21.24
C ALA A 148 -13.96 17.04 22.72
N TYR A 149 -14.92 16.23 23.14
CA TYR A 149 -15.06 15.78 24.51
C TYR A 149 -13.88 14.94 24.98
N TYR A 150 -13.45 14.00 24.14
CA TYR A 150 -12.34 13.13 24.50
C TYR A 150 -10.97 13.80 24.36
N SER A 151 -10.96 15.00 23.81
CA SER A 151 -9.72 15.76 23.66
C SER A 151 -9.50 16.48 24.98
N LYS A 152 -10.45 16.29 25.89
CA LYS A 152 -10.41 16.91 27.20
C LYS A 152 -10.76 15.89 28.27
N HIS A 153 -11.25 14.74 27.83
CA HIS A 153 -11.65 13.69 28.78
C HIS A 153 -11.25 12.28 28.36
N ALA A 154 -10.52 11.59 29.25
CA ALA A 154 -10.12 10.22 28.99
C ALA A 154 -11.38 9.36 29.01
N ASP A 155 -12.09 9.37 30.13
CA ASP A 155 -13.33 8.62 30.27
C ASP A 155 -13.18 7.16 29.89
N GLY A 156 -12.09 6.53 30.31
CA GLY A 156 -11.88 5.12 30.00
C GLY A 156 -10.89 4.90 28.88
N LEU A 157 -10.93 5.79 27.88
CA LEU A 157 -10.03 5.69 26.74
C LEU A 157 -8.60 5.66 27.27
N CYS A 158 -7.75 4.88 26.64
CA CYS A 158 -6.35 4.75 27.04
C CYS A 158 -5.69 6.10 27.30
N HIS A 159 -6.03 7.09 26.49
CA HIS A 159 -5.45 8.42 26.65
C HIS A 159 -6.47 9.46 26.22
N ARG A 160 -6.19 10.72 26.54
CA ARG A 160 -7.08 11.81 26.17
C ARG A 160 -6.71 12.23 24.76
N LEU A 161 -7.71 12.32 23.88
CA LEU A 161 -7.45 12.71 22.49
C LEU A 161 -6.60 13.97 22.45
N THR A 162 -5.39 13.84 21.90
CA THR A 162 -4.45 14.96 21.83
C THR A 162 -4.07 15.40 20.42
N ASN A 163 -3.09 14.72 19.84
CA ASN A 163 -2.58 15.03 18.52
C ASN A 163 -3.35 14.35 17.40
N VAL A 164 -3.68 15.13 16.38
CA VAL A 164 -4.38 14.60 15.21
C VAL A 164 -3.31 13.87 14.41
N CYS A 165 -3.60 12.64 14.01
CA CYS A 165 -2.64 11.86 13.26
C CYS A 165 -2.27 12.50 11.93
N PRO A 166 -0.95 12.73 11.72
CA PRO A 166 -0.46 13.34 10.49
C PRO A 166 -0.61 12.39 9.30
N THR A 167 -0.21 12.88 8.12
CA THR A 167 -0.28 12.08 6.91
C THR A 167 0.31 12.86 5.76
N SER A 168 1.26 12.25 5.06
CA SER A 168 1.86 12.91 3.91
C SER A 168 0.81 12.92 2.82
N LYS A 169 1.09 13.62 1.73
CA LYS A 169 0.16 13.70 0.62
C LYS A 169 0.03 12.33 -0.06
N PRO A 170 -1.18 11.96 -0.50
CA PRO A 170 -1.40 10.68 -1.16
C PRO A 170 -0.88 10.72 -2.59
N GLN A 171 -1.33 9.77 -3.39
CA GLN A 171 -0.92 9.68 -4.78
C GLN A 171 -2.05 10.09 -5.69
N THR A 172 -1.79 11.03 -6.60
CA THR A 172 -2.83 11.40 -7.53
C THR A 172 -2.99 10.13 -8.36
N GLN A 173 -4.16 9.94 -8.97
CA GLN A 173 -4.39 8.78 -9.79
C GLN A 173 -4.01 9.15 -11.22
N GLY A 174 -2.78 8.84 -11.60
CA GLY A 174 -2.32 9.21 -12.93
C GLY A 174 -1.44 10.45 -12.81
N LEU A 175 -0.71 10.75 -13.87
CA LEU A 175 0.17 11.92 -13.84
C LEU A 175 -0.63 13.18 -14.12
N ALA A 176 -1.49 13.14 -15.14
CA ALA A 176 -2.30 14.30 -15.48
C ALA A 176 -3.72 13.92 -15.88
N LYS A 177 -4.52 14.92 -16.22
CA LYS A 177 -5.90 14.71 -16.62
C LYS A 177 -6.14 13.74 -17.77
N ASP A 178 -5.19 13.60 -18.69
CA ASP A 178 -5.42 12.69 -19.80
C ASP A 178 -4.17 11.94 -20.23
N ALA A 179 -3.09 12.13 -19.48
CA ALA A 179 -1.82 11.49 -19.78
C ALA A 179 -1.84 9.97 -19.64
N TRP A 180 -1.20 9.29 -20.58
CA TRP A 180 -1.13 7.83 -20.55
C TRP A 180 -0.01 7.30 -21.45
N GLU A 181 -0.05 7.69 -22.72
CA GLU A 181 0.96 7.27 -23.68
C GLU A 181 1.75 8.55 -23.98
N ILE A 182 2.46 9.03 -22.96
CA ILE A 182 3.24 10.25 -23.05
C ILE A 182 4.41 10.18 -24.03
N PRO A 183 4.96 11.35 -24.41
CA PRO A 183 6.09 11.43 -25.33
C PRO A 183 7.45 11.25 -24.64
N ARG A 184 8.29 10.38 -25.21
CA ARG A 184 9.61 10.10 -24.67
C ARG A 184 10.39 11.38 -24.39
N GLU A 185 9.95 12.49 -24.97
CA GLU A 185 10.60 13.78 -24.80
C GLU A 185 10.33 14.41 -23.44
N SER A 186 9.35 13.86 -22.73
CA SER A 186 8.97 14.38 -21.42
C SER A 186 9.74 13.76 -20.27
N LEU A 187 10.23 12.54 -20.47
CA LEU A 187 10.96 11.83 -19.43
C LEU A 187 12.44 12.17 -19.36
N ARG A 188 12.89 12.59 -18.19
CA ARG A 188 14.29 12.93 -17.98
C ARG A 188 14.97 12.00 -16.99
N LEU A 189 15.47 10.87 -17.50
CA LEU A 189 16.17 9.89 -16.71
C LEU A 189 17.35 10.58 -16.05
N GLU A 190 17.50 10.43 -14.73
CA GLU A 190 18.60 11.09 -14.05
C GLU A 190 19.41 10.24 -13.08
N VAL A 191 18.97 9.02 -12.81
CA VAL A 191 19.69 8.14 -11.90
C VAL A 191 19.31 6.69 -12.17
N LYS A 192 20.31 5.84 -12.39
CA LYS A 192 20.02 4.43 -12.64
C LYS A 192 20.07 3.66 -11.34
N LEU A 193 19.04 2.85 -11.10
CA LEU A 193 18.97 2.06 -9.88
C LEU A 193 18.72 0.58 -10.17
N GLY A 194 18.83 0.21 -11.44
CA GLY A 194 18.61 -1.17 -11.82
C GLY A 194 19.16 -1.52 -13.19
N GLN A 195 19.11 -2.80 -13.52
CA GLN A 195 19.58 -3.32 -14.80
C GLN A 195 19.44 -4.83 -14.80
N GLY A 196 18.48 -5.33 -15.57
CA GLY A 196 18.27 -6.77 -15.63
C GLY A 196 18.49 -7.32 -17.02
N CYS A 197 17.84 -8.45 -17.31
CA CYS A 197 17.95 -9.09 -18.61
C CYS A 197 16.82 -8.66 -19.52
N PHE A 198 16.02 -7.70 -19.03
CA PHE A 198 14.90 -7.19 -19.81
C PHE A 198 14.94 -5.67 -19.91
N GLY A 199 15.81 -5.05 -19.11
CA GLY A 199 15.95 -3.60 -19.14
C GLY A 199 16.57 -2.99 -17.90
N GLU A 200 16.28 -1.71 -17.65
CA GLU A 200 16.79 -1.01 -16.48
C GLU A 200 15.67 -0.16 -15.88
N VAL A 201 15.94 0.43 -14.71
CA VAL A 201 14.96 1.26 -14.01
C VAL A 201 15.62 2.54 -13.50
N TRP A 202 15.30 3.66 -14.14
CA TRP A 202 15.86 4.96 -13.79
C TRP A 202 14.91 5.77 -12.92
N MET A 203 15.47 6.84 -12.35
CA MET A 203 14.72 7.78 -11.52
C MET A 203 14.68 9.02 -12.40
N GLY A 204 13.62 9.14 -13.19
CA GLY A 204 13.50 10.27 -14.09
C GLY A 204 12.72 11.47 -13.59
N THR A 205 12.08 12.15 -14.52
CA THR A 205 11.28 13.34 -14.23
C THR A 205 10.31 13.54 -15.38
N TRP A 206 9.04 13.78 -15.07
CA TRP A 206 8.05 14.01 -16.12
C TRP A 206 7.65 15.50 -16.10
N ASN A 207 7.68 16.13 -17.26
CA ASN A 207 7.34 17.55 -17.38
C ASN A 207 8.20 18.45 -16.50
N GLY A 208 9.44 18.02 -16.23
CA GLY A 208 10.36 18.78 -15.44
C GLY A 208 10.22 18.75 -13.93
N THR A 209 8.98 18.74 -13.45
CA THR A 209 8.74 18.73 -12.02
C THR A 209 8.44 17.39 -11.37
N THR A 210 7.76 16.51 -12.10
CA THR A 210 7.40 15.23 -11.52
C THR A 210 8.45 14.13 -11.43
N ARG A 211 8.61 13.64 -10.20
CA ARG A 211 9.53 12.53 -9.87
C ARG A 211 8.82 11.23 -10.23
N VAL A 212 9.27 10.57 -11.27
CA VAL A 212 8.57 9.23 -11.62
C VAL A 212 9.63 8.09 -11.57
N ALA A 213 9.32 7.07 -12.32
CA ALA A 213 10.22 5.92 -12.38
C ALA A 213 10.05 5.37 -13.79
N ILE A 214 11.13 5.18 -14.53
CA ILE A 214 11.04 4.71 -15.90
C ILE A 214 11.69 3.36 -16.09
N LYS A 215 10.88 2.40 -16.54
CA LYS A 215 11.38 1.07 -16.78
C LYS A 215 11.65 0.96 -18.27
N THR A 216 12.93 1.00 -18.63
CA THR A 216 13.33 0.91 -20.03
C THR A 216 13.56 -0.54 -20.40
N LEU A 217 12.72 -1.05 -21.30
CA LEU A 217 12.83 -2.43 -21.75
C LEU A 217 13.48 -2.45 -23.13
N LYS A 218 14.73 -2.02 -23.19
CA LYS A 218 15.48 -1.99 -24.45
C LYS A 218 15.21 -3.26 -25.27
N PRO A 219 15.40 -3.18 -26.59
CA PRO A 219 15.15 -4.34 -27.45
C PRO A 219 15.89 -5.59 -26.97
N PRO A 224 8.25 -5.41 -27.14
CA PRO A 224 7.17 -5.76 -28.09
C PRO A 224 6.05 -4.72 -28.08
N GLU A 225 5.09 -4.86 -29.00
CA GLU A 225 3.97 -3.94 -29.08
C GLU A 225 2.73 -4.57 -28.47
N ALA A 226 2.64 -5.89 -28.55
CA ALA A 226 1.51 -6.64 -28.03
C ALA A 226 1.46 -6.60 -26.51
N PHE A 227 2.33 -5.79 -25.91
CA PHE A 227 2.38 -5.65 -24.47
C PHE A 227 1.45 -4.51 -24.09
N LEU A 228 1.41 -3.49 -24.95
CA LEU A 228 0.56 -2.32 -24.74
C LEU A 228 -0.86 -2.73 -24.39
N GLN A 229 -1.40 -3.68 -25.14
CA GLN A 229 -2.76 -4.16 -24.91
C GLN A 229 -2.92 -4.75 -23.50
N GLU A 230 -1.80 -5.08 -22.88
CA GLU A 230 -1.80 -5.64 -21.54
C GLU A 230 -1.60 -4.54 -20.51
N ALA A 231 -0.85 -3.51 -20.90
CA ALA A 231 -0.59 -2.38 -20.01
C ALA A 231 -1.91 -1.64 -19.75
N GLN A 232 -2.91 -1.95 -20.57
CA GLN A 232 -4.23 -1.34 -20.45
C GLN A 232 -4.95 -1.96 -19.25
N VAL A 233 -4.88 -3.28 -19.16
CA VAL A 233 -5.50 -4.00 -18.05
C VAL A 233 -4.70 -3.70 -16.78
N MET A 234 -3.41 -3.43 -16.97
CA MET A 234 -2.55 -3.12 -15.85
C MET A 234 -2.75 -1.66 -15.47
N LYS A 235 -3.46 -0.94 -16.34
CA LYS A 235 -3.74 0.48 -16.09
C LYS A 235 -4.90 0.58 -15.10
N LYS A 236 -5.89 -0.30 -15.28
CA LYS A 236 -7.08 -0.31 -14.44
C LYS A 236 -6.84 -0.80 -13.01
N LEU A 237 -6.01 -1.82 -12.85
CA LEU A 237 -5.72 -2.36 -11.53
C LEU A 237 -5.21 -1.27 -10.60
N ARG A 238 -6.10 -0.75 -9.76
CA ARG A 238 -5.74 0.31 -8.82
C ARG A 238 -5.92 -0.11 -7.38
N HIS A 239 -4.82 -0.14 -6.64
CA HIS A 239 -4.83 -0.52 -5.24
C HIS A 239 -3.66 0.17 -4.54
N GLU A 240 -3.77 0.35 -3.23
CA GLU A 240 -2.75 1.02 -2.44
C GLU A 240 -1.45 0.23 -2.32
N LYS A 241 -1.55 -1.10 -2.30
CA LYS A 241 -0.36 -1.95 -2.18
C LYS A 241 0.13 -2.45 -3.52
N LEU A 242 -0.23 -1.71 -4.57
CA LEU A 242 0.16 -2.01 -5.94
C LEU A 242 0.79 -0.76 -6.51
N VAL A 243 2.05 -0.83 -6.92
CA VAL A 243 2.73 0.34 -7.47
C VAL A 243 1.91 0.83 -8.67
N GLN A 244 1.66 2.14 -8.73
CA GLN A 244 0.85 2.70 -9.81
C GLN A 244 1.58 2.97 -11.12
N LEU A 245 1.01 2.47 -12.20
CA LEU A 245 1.56 2.65 -13.53
C LEU A 245 0.97 3.92 -14.12
N TYR A 246 1.81 4.94 -14.28
CA TYR A 246 1.42 6.26 -14.81
C TYR A 246 1.21 6.33 -16.32
N ALA A 247 2.30 6.17 -17.07
CA ALA A 247 2.23 6.23 -18.54
C ALA A 247 3.18 5.25 -19.18
N VAL A 248 2.93 4.94 -20.45
CA VAL A 248 3.76 4.01 -21.20
C VAL A 248 4.03 4.58 -22.58
N VAL A 249 5.20 4.28 -23.15
CA VAL A 249 5.52 4.79 -24.47
C VAL A 249 5.53 3.68 -25.52
N SER A 250 4.98 3.98 -26.69
CA SER A 250 4.90 3.03 -27.79
C SER A 250 6.25 2.90 -28.49
N GLU A 251 6.72 4.01 -29.09
CA GLU A 251 8.00 4.03 -29.79
C GLU A 251 9.05 3.26 -28.99
N GLU A 252 9.78 2.40 -29.68
CA GLU A 252 10.80 1.58 -29.04
C GLU A 252 12.17 2.27 -28.96
N PRO A 253 12.94 1.99 -27.90
CA PRO A 253 12.55 1.06 -26.83
C PRO A 253 11.33 1.56 -26.08
N ILE A 254 10.57 0.65 -25.48
CA ILE A 254 9.36 1.03 -24.76
C ILE A 254 9.62 1.35 -23.30
N TYR A 255 9.16 2.52 -22.88
CA TYR A 255 9.32 2.99 -21.50
C TYR A 255 8.07 2.74 -20.66
N ILE A 256 8.26 2.68 -19.34
CA ILE A 256 7.18 2.46 -18.39
C ILE A 256 7.38 3.40 -17.21
N VAL A 257 6.58 4.46 -17.16
CA VAL A 257 6.69 5.40 -16.07
C VAL A 257 5.83 4.87 -14.95
N THR A 258 6.33 4.93 -13.72
CA THR A 258 5.57 4.42 -12.58
C THR A 258 5.87 5.17 -11.31
N GLU A 259 5.03 4.94 -10.32
CA GLU A 259 5.18 5.54 -9.01
C GLU A 259 6.63 5.30 -8.53
N TYR A 260 7.21 6.30 -7.89
CA TYR A 260 8.58 6.19 -7.37
C TYR A 260 8.58 5.89 -5.87
N MET A 261 9.29 4.83 -5.49
CA MET A 261 9.39 4.42 -4.08
C MET A 261 10.75 4.82 -3.50
N SER A 262 10.73 5.83 -2.65
CA SER A 262 11.95 6.36 -2.02
C SER A 262 12.95 5.33 -1.46
N LYS A 263 12.45 4.28 -0.81
CA LYS A 263 13.32 3.26 -0.21
C LYS A 263 13.86 2.18 -1.16
N GLY A 264 13.25 2.03 -2.34
CA GLY A 264 13.72 1.03 -3.28
C GLY A 264 13.13 -0.35 -3.04
N SER A 265 13.70 -1.35 -3.71
CA SER A 265 13.24 -2.74 -3.60
C SER A 265 13.29 -3.30 -2.18
N LEU A 266 12.38 -4.21 -1.86
CA LEU A 266 12.32 -4.81 -0.54
C LEU A 266 13.56 -5.64 -0.22
N LEU A 267 14.12 -6.27 -1.24
CA LEU A 267 15.33 -7.10 -1.07
C LEU A 267 16.49 -6.25 -0.55
N ASP A 268 16.94 -5.31 -1.39
CA ASP A 268 18.04 -4.45 -1.00
C ASP A 268 17.75 -3.94 0.40
N PHE A 269 16.59 -3.32 0.55
CA PHE A 269 16.15 -2.77 1.83
C PHE A 269 16.37 -3.77 2.96
N LEU A 270 16.25 -5.06 2.65
CA LEU A 270 16.43 -6.07 3.67
C LEU A 270 17.91 -6.29 3.97
N LYS A 271 18.71 -6.43 2.91
CA LYS A 271 20.15 -6.67 3.07
C LYS A 271 20.93 -5.45 3.55
N GLY A 272 20.39 -4.26 3.31
CA GLY A 272 21.08 -3.04 3.69
C GLY A 272 21.23 -2.82 5.19
N GLU A 273 21.63 -1.61 5.56
CA GLU A 273 21.83 -1.25 6.96
C GLU A 273 20.56 -0.70 7.58
N MET A 274 19.50 -1.50 7.54
CA MET A 274 18.21 -1.14 8.10
C MET A 274 17.43 -2.44 8.33
N GLY A 275 17.68 -3.41 7.47
CA GLY A 275 17.01 -4.69 7.58
C GLY A 275 17.36 -5.40 8.87
N LYS A 276 18.33 -4.85 9.60
CA LYS A 276 18.76 -5.45 10.85
C LYS A 276 17.84 -5.06 12.00
N TYR A 277 17.62 -3.77 12.16
CA TYR A 277 16.78 -3.26 13.23
C TYR A 277 15.30 -3.59 12.99
N LEU A 278 15.03 -4.28 11.90
CA LEU A 278 13.67 -4.67 11.54
C LEU A 278 13.19 -5.83 12.40
N ARG A 279 12.27 -5.54 13.32
CA ARG A 279 11.72 -6.54 14.22
C ARG A 279 10.73 -7.46 13.50
N LEU A 280 10.21 -8.45 14.22
CA LEU A 280 9.26 -9.39 13.63
C LEU A 280 7.93 -8.78 13.25
N PRO A 281 7.35 -7.94 14.12
CA PRO A 281 6.07 -7.32 13.79
C PRO A 281 6.21 -6.43 12.57
N GLN A 282 7.46 -6.07 12.26
CA GLN A 282 7.78 -5.24 11.12
C GLN A 282 7.61 -6.09 9.86
N LEU A 283 8.45 -7.11 9.73
CA LEU A 283 8.41 -8.01 8.57
C LEU A 283 7.03 -8.62 8.38
N VAL A 284 6.34 -8.90 9.47
CA VAL A 284 5.01 -9.47 9.36
C VAL A 284 4.08 -8.42 8.80
N ASP A 285 4.31 -7.16 9.16
CA ASP A 285 3.47 -6.07 8.64
C ASP A 285 3.76 -5.96 7.16
N MET A 286 5.05 -5.99 6.83
CA MET A 286 5.53 -5.89 5.46
C MET A 286 4.95 -7.02 4.62
N ALA A 287 4.79 -8.19 5.22
CA ALA A 287 4.22 -9.35 4.54
C ALA A 287 2.72 -9.17 4.41
N ALA A 288 2.11 -8.47 5.37
CA ALA A 288 0.67 -8.23 5.34
C ALA A 288 0.29 -7.28 4.19
N GLN A 289 1.10 -6.25 3.99
CA GLN A 289 0.88 -5.28 2.92
C GLN A 289 0.90 -6.04 1.59
N ILE A 290 1.98 -6.78 1.37
CA ILE A 290 2.17 -7.56 0.15
C ILE A 290 1.04 -8.55 -0.14
N ALA A 291 0.49 -9.16 0.90
CA ALA A 291 -0.60 -10.12 0.73
C ALA A 291 -1.87 -9.37 0.36
N SER A 292 -1.95 -8.13 0.83
CA SER A 292 -3.09 -7.28 0.57
C SER A 292 -3.10 -6.94 -0.92
N GLY A 293 -1.95 -6.48 -1.40
CA GLY A 293 -1.81 -6.13 -2.79
C GLY A 293 -2.13 -7.34 -3.63
N MET A 294 -1.54 -8.48 -3.28
CA MET A 294 -1.80 -9.71 -4.02
C MET A 294 -3.22 -10.25 -3.79
N ALA A 295 -3.86 -9.83 -2.70
CA ALA A 295 -5.22 -10.26 -2.45
C ALA A 295 -6.09 -9.48 -3.42
N TYR A 296 -5.61 -8.31 -3.82
CA TYR A 296 -6.33 -7.49 -4.79
C TYR A 296 -6.06 -8.12 -6.15
N VAL A 297 -4.79 -8.31 -6.48
CA VAL A 297 -4.46 -8.93 -7.75
C VAL A 297 -5.28 -10.21 -7.88
N GLU A 298 -5.58 -10.84 -6.74
CA GLU A 298 -6.34 -12.08 -6.73
C GLU A 298 -7.82 -11.94 -7.05
N ARG A 299 -8.55 -11.07 -6.39
CA ARG A 299 -9.96 -10.95 -6.71
C ARG A 299 -10.15 -10.28 -8.08
N MET A 300 -9.07 -9.71 -8.62
CA MET A 300 -9.13 -9.08 -9.94
C MET A 300 -8.88 -10.16 -10.99
N ASN A 301 -8.82 -11.41 -10.55
CA ASN A 301 -8.58 -12.56 -11.42
C ASN A 301 -7.31 -12.43 -12.25
N TYR A 302 -6.31 -11.76 -11.70
CA TYR A 302 -5.04 -11.53 -12.38
C TYR A 302 -3.97 -12.46 -11.81
N VAL A 303 -2.76 -12.38 -12.34
CA VAL A 303 -1.65 -13.21 -11.89
C VAL A 303 -0.34 -12.42 -12.00
N HIS A 304 0.45 -12.40 -10.95
CA HIS A 304 1.71 -11.67 -10.97
C HIS A 304 2.76 -12.33 -11.85
N ARG A 305 2.93 -13.64 -11.67
CA ARG A 305 3.89 -14.46 -12.42
C ARG A 305 5.33 -14.36 -11.96
N ASP A 306 5.66 -13.41 -11.09
CA ASP A 306 7.04 -13.30 -10.65
C ASP A 306 7.19 -12.55 -9.31
N LEU A 307 6.46 -13.03 -8.32
CA LEU A 307 6.48 -12.41 -7.01
C LEU A 307 7.73 -12.81 -6.22
N ARG A 308 8.44 -11.82 -5.70
CA ARG A 308 9.63 -12.05 -4.90
C ARG A 308 10.09 -10.72 -4.28
N ALA A 309 10.89 -10.80 -3.23
CA ALA A 309 11.34 -9.58 -2.54
C ALA A 309 12.08 -8.60 -3.43
N ALA A 310 12.40 -9.02 -4.65
CA ALA A 310 13.10 -8.18 -5.60
C ALA A 310 12.09 -7.34 -6.37
N ASN A 311 10.90 -7.91 -6.57
CA ASN A 311 9.84 -7.23 -7.28
C ASN A 311 8.88 -6.57 -6.30
N ILE A 312 9.40 -6.13 -5.17
CA ILE A 312 8.58 -5.43 -4.18
C ILE A 312 9.34 -4.16 -3.82
N LEU A 313 8.65 -3.02 -3.84
CA LEU A 313 9.28 -1.74 -3.52
C LEU A 313 8.83 -1.19 -2.18
N VAL A 314 9.75 -0.54 -1.46
CA VAL A 314 9.42 0.01 -0.15
C VAL A 314 9.44 1.55 -0.11
N GLY A 315 8.56 2.10 0.71
CA GLY A 315 8.43 3.54 0.87
C GLY A 315 8.86 4.06 2.24
N GLU A 316 8.29 5.18 2.66
CA GLU A 316 8.64 5.80 3.94
C GLU A 316 8.38 5.01 5.23
N ASN A 317 7.13 4.96 5.66
CA ASN A 317 6.79 4.23 6.89
C ASN A 317 6.61 2.73 6.63
N LEU A 318 7.67 2.10 6.16
CA LEU A 318 7.66 0.68 5.87
C LEU A 318 6.52 0.29 4.93
N VAL A 319 6.18 1.19 4.00
CA VAL A 319 5.13 0.88 3.04
C VAL A 319 5.76 -0.01 1.99
N CYS A 320 5.09 -1.13 1.70
CA CYS A 320 5.57 -2.06 0.70
C CYS A 320 4.53 -2.21 -0.40
N LYS A 321 4.99 -2.20 -1.65
CA LYS A 321 4.09 -2.32 -2.78
C LYS A 321 4.59 -3.32 -3.80
N VAL A 322 3.66 -4.09 -4.37
CA VAL A 322 3.98 -5.10 -5.37
C VAL A 322 4.15 -4.42 -6.72
N ALA A 323 5.28 -4.69 -7.36
CA ALA A 323 5.59 -4.10 -8.66
C ALA A 323 5.76 -5.19 -9.70
N ASP A 324 5.66 -4.80 -10.96
CA ASP A 324 5.83 -5.71 -12.09
C ASP A 324 4.72 -6.68 -12.36
N PHE A 325 3.66 -6.63 -11.57
CA PHE A 325 2.54 -7.54 -11.73
C PHE A 325 2.17 -7.66 -13.21
N GLY A 326 1.79 -8.88 -13.63
CA GLY A 326 1.41 -9.09 -15.01
C GLY A 326 2.39 -9.89 -15.85
N LEU A 327 3.26 -9.19 -16.58
CA LEU A 327 4.24 -9.84 -17.45
C LEU A 327 4.97 -11.01 -16.78
N PHE A 344 12.99 -18.65 -15.42
CA PHE A 344 14.17 -17.96 -14.84
C PHE A 344 14.25 -18.12 -13.33
N PRO A 345 13.35 -17.45 -12.57
CA PRO A 345 13.35 -17.54 -11.11
C PRO A 345 12.78 -18.86 -10.60
N ILE A 346 13.48 -19.95 -10.92
CA ILE A 346 13.06 -21.29 -10.51
C ILE A 346 12.81 -21.39 -9.00
N LYS A 347 13.75 -20.91 -8.21
CA LYS A 347 13.65 -20.95 -6.76
C LYS A 347 12.36 -20.36 -6.19
N TRP A 348 11.67 -19.50 -6.96
CA TRP A 348 10.42 -18.89 -6.52
C TRP A 348 9.23 -19.52 -7.23
N THR A 349 9.51 -20.25 -8.31
CA THR A 349 8.44 -20.86 -9.09
C THR A 349 7.90 -22.19 -8.59
N ALA A 350 6.58 -22.26 -8.47
CA ALA A 350 5.90 -23.45 -8.03
C ALA A 350 6.18 -24.54 -9.07
N PRO A 351 6.39 -25.78 -8.61
CA PRO A 351 6.66 -26.89 -9.53
C PRO A 351 5.78 -26.90 -10.79
N GLU A 352 4.47 -26.92 -10.61
CA GLU A 352 3.57 -26.96 -11.75
C GLU A 352 3.82 -25.86 -12.77
N ALA A 353 4.24 -24.68 -12.32
CA ALA A 353 4.49 -23.58 -13.25
C ALA A 353 5.75 -23.83 -14.10
N ALA A 354 6.74 -24.48 -13.51
CA ALA A 354 8.00 -24.78 -14.18
C ALA A 354 7.94 -26.04 -15.03
N LEU A 355 7.06 -26.97 -14.66
CA LEU A 355 6.93 -28.24 -15.36
C LEU A 355 5.69 -28.35 -16.24
N TYR A 356 4.93 -27.26 -16.35
CA TYR A 356 3.71 -27.26 -17.16
C TYR A 356 3.33 -25.85 -17.55
N GLY A 357 4.17 -24.89 -17.18
CA GLY A 357 3.90 -23.51 -17.52
C GLY A 357 2.62 -22.99 -16.89
N ARG A 358 2.02 -23.80 -16.02
CA ARG A 358 0.78 -23.41 -15.35
C ARG A 358 1.07 -22.30 -14.33
N PHE A 359 0.89 -21.05 -14.76
CA PHE A 359 1.14 -19.92 -13.90
C PHE A 359 -0.18 -19.33 -13.45
N THR A 360 -0.58 -19.63 -12.21
CA THR A 360 -1.83 -19.12 -11.66
C THR A 360 -1.63 -18.32 -10.38
N ILE A 361 -2.75 -17.95 -9.77
CA ILE A 361 -2.72 -17.20 -8.53
C ILE A 361 -2.19 -18.14 -7.45
N LYS A 362 -2.29 -19.44 -7.69
CA LYS A 362 -1.82 -20.45 -6.74
C LYS A 362 -0.30 -20.58 -6.80
N SER A 363 0.27 -20.41 -7.99
CA SER A 363 1.71 -20.51 -8.13
C SER A 363 2.25 -19.25 -7.48
N ASP A 364 1.44 -18.20 -7.56
CA ASP A 364 1.77 -16.92 -6.99
C ASP A 364 1.82 -17.06 -5.48
N VAL A 365 0.90 -17.86 -4.95
CA VAL A 365 0.86 -18.08 -3.52
C VAL A 365 2.15 -18.83 -3.17
N TRP A 366 2.48 -19.85 -3.97
CA TRP A 366 3.71 -20.59 -3.72
C TRP A 366 4.84 -19.58 -3.57
N SER A 367 5.01 -18.77 -4.60
CA SER A 367 6.06 -17.76 -4.62
C SER A 367 6.04 -16.93 -3.36
N PHE A 368 4.85 -16.57 -2.88
CA PHE A 368 4.72 -15.76 -1.66
C PHE A 368 5.33 -16.43 -0.41
N GLY A 369 5.25 -17.76 -0.34
CA GLY A 369 5.81 -18.46 0.80
C GLY A 369 7.32 -18.39 0.77
N ILE A 370 7.87 -18.33 -0.44
CA ILE A 370 9.32 -18.23 -0.63
C ILE A 370 9.72 -16.83 -0.22
N LEU A 371 8.88 -15.86 -0.55
CA LEU A 371 9.12 -14.47 -0.20
C LEU A 371 9.14 -14.35 1.31
N LEU A 372 8.40 -15.22 1.98
CA LEU A 372 8.35 -15.16 3.45
C LEU A 372 9.69 -15.56 4.04
N THR A 373 10.44 -16.38 3.31
CA THR A 373 11.75 -16.81 3.78
C THR A 373 12.76 -15.69 3.63
N GLU A 374 12.71 -14.96 2.53
CA GLU A 374 13.65 -13.83 2.35
C GLU A 374 13.31 -12.84 3.46
N LEU A 375 12.01 -12.59 3.63
CA LEU A 375 11.52 -11.65 4.63
C LEU A 375 12.03 -12.00 6.03
N THR A 376 12.00 -13.29 6.36
CA THR A 376 12.42 -13.74 7.68
C THR A 376 13.89 -14.08 7.76
N THR A 377 14.61 -13.92 6.66
CA THR A 377 16.04 -14.22 6.63
C THR A 377 16.86 -13.05 6.11
N LYS A 378 16.55 -11.86 6.64
CA LYS A 378 17.23 -10.62 6.29
C LYS A 378 17.66 -10.49 4.83
N GLY A 379 16.90 -11.11 3.92
CA GLY A 379 17.26 -11.03 2.52
C GLY A 379 17.98 -12.24 1.96
N ARG A 380 18.22 -13.24 2.81
CA ARG A 380 18.92 -14.46 2.39
C ARG A 380 18.23 -15.15 1.21
N VAL A 381 19.04 -15.75 0.35
CA VAL A 381 18.53 -16.43 -0.84
C VAL A 381 17.82 -17.74 -0.54
N PRO A 382 16.65 -17.96 -1.16
CA PRO A 382 15.94 -19.23 -0.90
C PRO A 382 16.86 -20.41 -1.23
N TYR A 383 16.78 -21.46 -0.43
CA TYR A 383 17.63 -22.64 -0.65
C TYR A 383 19.10 -22.28 -0.68
N PRO A 384 19.65 -21.76 0.44
CA PRO A 384 21.07 -21.39 0.48
C PRO A 384 21.96 -22.64 0.49
N GLY A 385 22.28 -23.15 -0.69
CA GLY A 385 23.12 -24.33 -0.77
C GLY A 385 22.86 -25.10 -2.04
N MET A 386 21.67 -24.92 -2.60
CA MET A 386 21.32 -25.58 -3.83
C MET A 386 21.59 -24.66 -4.99
N VAL A 387 21.53 -25.21 -6.18
CA VAL A 387 21.74 -24.44 -7.39
C VAL A 387 20.45 -24.56 -8.19
N ASN A 388 20.14 -23.56 -9.00
CA ASN A 388 18.91 -23.58 -9.79
C ASN A 388 18.38 -24.97 -10.13
N ARG A 389 19.11 -25.71 -10.95
CA ARG A 389 18.66 -27.04 -11.36
C ARG A 389 18.37 -27.95 -10.18
N GLU A 390 19.20 -27.87 -9.14
CA GLU A 390 19.01 -28.69 -7.97
C GLU A 390 17.59 -28.52 -7.41
N VAL A 391 17.28 -27.28 -7.03
CA VAL A 391 15.98 -26.95 -6.45
C VAL A 391 14.75 -27.65 -7.07
N LEU A 392 14.50 -27.40 -8.36
CA LEU A 392 13.36 -28.02 -9.04
C LEU A 392 13.22 -29.50 -8.68
N ASP A 393 14.35 -30.21 -8.69
CA ASP A 393 14.37 -31.63 -8.39
C ASP A 393 14.20 -31.97 -6.90
N GLN A 394 14.79 -31.16 -6.03
CA GLN A 394 14.66 -31.37 -4.60
C GLN A 394 13.19 -31.24 -4.23
N VAL A 395 12.57 -30.18 -4.75
CA VAL A 395 11.17 -29.88 -4.49
C VAL A 395 10.22 -30.94 -5.03
N GLU A 396 10.58 -31.52 -6.18
CA GLU A 396 9.75 -32.56 -6.78
C GLU A 396 9.66 -33.76 -5.86
N ARG A 397 10.78 -34.13 -5.26
CA ARG A 397 10.80 -35.27 -4.34
C ARG A 397 10.13 -34.93 -3.01
N GLY A 398 9.62 -33.70 -2.92
CA GLY A 398 8.92 -33.29 -1.71
C GLY A 398 9.69 -32.42 -0.73
N TYR A 399 10.91 -32.01 -1.10
CA TYR A 399 11.72 -31.18 -0.22
C TYR A 399 11.15 -29.78 -0.04
N ARG A 400 11.36 -29.21 1.14
CA ARG A 400 10.89 -27.89 1.45
C ARG A 400 11.85 -27.26 2.42
N MET A 401 12.07 -25.96 2.28
CA MET A 401 12.97 -25.26 3.19
C MET A 401 12.50 -25.47 4.63
N PRO A 402 13.44 -25.40 5.58
CA PRO A 402 13.09 -25.58 6.99
C PRO A 402 12.72 -24.23 7.57
N CYS A 403 12.33 -24.21 8.84
CA CYS A 403 11.97 -22.96 9.47
C CYS A 403 13.23 -22.14 9.73
N PRO A 404 13.35 -20.97 9.11
CA PRO A 404 14.52 -20.11 9.29
C PRO A 404 14.84 -19.82 10.76
N PRO A 405 16.09 -19.43 11.05
CA PRO A 405 16.48 -19.12 12.43
C PRO A 405 15.62 -18.04 13.07
N GLU A 406 15.12 -18.33 14.27
CA GLU A 406 14.29 -17.40 15.03
C GLU A 406 12.99 -16.94 14.36
N CYS A 407 12.63 -17.56 13.23
CA CYS A 407 11.37 -17.23 12.55
C CYS A 407 10.34 -18.12 13.23
N PRO A 408 9.27 -17.55 13.79
CA PRO A 408 8.30 -18.43 14.45
C PRO A 408 7.98 -19.68 13.64
N GLU A 409 7.72 -20.76 14.37
CA GLU A 409 7.39 -22.01 13.75
C GLU A 409 6.00 -21.93 13.16
N SER A 410 5.22 -20.94 13.61
CA SER A 410 3.86 -20.75 13.11
C SER A 410 3.90 -20.03 11.76
N LEU A 411 4.94 -19.22 11.55
CA LEU A 411 5.06 -18.55 10.27
C LEU A 411 5.53 -19.57 9.23
N HIS A 412 6.30 -20.57 9.66
CA HIS A 412 6.81 -21.60 8.74
C HIS A 412 5.66 -22.48 8.32
N ASP A 413 4.72 -22.72 9.24
CA ASP A 413 3.57 -23.54 8.93
C ASP A 413 2.78 -22.86 7.80
N LEU A 414 2.75 -21.53 7.83
CA LEU A 414 2.05 -20.76 6.81
C LEU A 414 2.77 -20.89 5.47
N MET A 415 4.09 -20.97 5.53
CA MET A 415 4.93 -21.12 4.34
C MET A 415 4.61 -22.48 3.73
N CYS A 416 4.67 -23.50 4.59
CA CYS A 416 4.40 -24.86 4.17
C CYS A 416 3.06 -25.02 3.50
N GLN A 417 2.09 -24.21 3.92
CA GLN A 417 0.74 -24.26 3.33
C GLN A 417 0.82 -23.69 1.93
N CYS A 418 1.71 -22.72 1.73
CA CYS A 418 1.89 -22.09 0.43
C CYS A 418 2.64 -23.02 -0.52
N TRP A 419 3.41 -23.94 0.06
CA TRP A 419 4.22 -24.89 -0.71
C TRP A 419 3.58 -26.24 -0.97
N ARG A 420 2.30 -26.38 -0.64
CA ARG A 420 1.61 -27.63 -0.87
C ARG A 420 1.81 -28.02 -2.32
N LYS A 421 1.80 -29.32 -2.60
CA LYS A 421 2.00 -29.80 -3.96
C LYS A 421 0.83 -29.37 -4.85
N ASP A 422 -0.37 -29.63 -4.34
CA ASP A 422 -1.57 -29.31 -5.07
C ASP A 422 -1.96 -27.85 -4.90
N PRO A 423 -1.90 -27.07 -5.99
CA PRO A 423 -2.26 -25.65 -5.91
C PRO A 423 -3.60 -25.41 -5.20
N GLU A 424 -4.58 -26.27 -5.46
CA GLU A 424 -5.89 -26.12 -4.84
C GLU A 424 -5.85 -26.45 -3.36
N GLU A 425 -4.65 -26.63 -2.82
CA GLU A 425 -4.48 -26.94 -1.41
C GLU A 425 -3.77 -25.78 -0.74
N ARG A 426 -3.39 -24.78 -1.54
CA ARG A 426 -2.70 -23.60 -1.03
C ARG A 426 -3.76 -22.54 -0.75
N PRO A 427 -3.51 -21.70 0.27
CA PRO A 427 -4.45 -20.63 0.66
C PRO A 427 -4.68 -19.50 -0.35
N THR A 428 -5.69 -18.66 -0.08
CA THR A 428 -5.99 -17.53 -0.92
C THR A 428 -5.10 -16.43 -0.37
N PHE A 429 -4.89 -15.34 -1.11
CA PHE A 429 -4.09 -14.25 -0.56
C PHE A 429 -5.00 -13.53 0.41
N GLU A 430 -6.29 -13.77 0.26
CA GLU A 430 -7.27 -13.15 1.15
C GLU A 430 -7.06 -13.77 2.52
N TYR A 431 -6.84 -15.08 2.56
CA TYR A 431 -6.60 -15.79 3.80
C TYR A 431 -5.24 -15.37 4.35
N LEU A 432 -4.24 -15.36 3.49
CA LEU A 432 -2.90 -14.98 3.89
C LEU A 432 -2.88 -13.59 4.53
N GLN A 433 -3.60 -12.65 3.91
CA GLN A 433 -3.68 -11.28 4.43
C GLN A 433 -4.38 -11.25 5.79
N ALA A 434 -5.52 -11.92 5.87
CA ALA A 434 -6.31 -12.01 7.09
C ALA A 434 -5.43 -12.61 8.18
N PHE A 435 -4.81 -13.74 7.85
CA PHE A 435 -3.96 -14.42 8.81
C PHE A 435 -2.81 -13.56 9.31
N LEU A 436 -2.19 -12.85 8.37
CA LEU A 436 -1.03 -12.01 8.62
C LEU A 436 -1.34 -10.71 9.34
N GLU A 437 -2.54 -10.19 9.13
CA GLU A 437 -2.91 -8.96 9.78
C GLU A 437 -3.21 -9.22 11.25
N ASP A 438 -3.75 -10.40 11.53
CA ASP A 438 -4.07 -10.75 12.91
C ASP A 438 -3.07 -11.69 13.60
N TYR A 439 -1.92 -11.92 12.97
CA TYR A 439 -0.92 -12.83 13.53
C TYR A 439 -0.65 -12.62 15.01
N PHE A 440 -0.35 -11.37 15.37
CA PHE A 440 -0.02 -11.02 16.75
C PHE A 440 -1.18 -10.78 17.70
N THR A 441 -2.27 -10.21 17.20
CA THR A 441 -3.43 -9.94 18.03
C THR A 441 -4.53 -10.96 17.77
N SER A 442 -4.15 -12.23 17.69
CA SER A 442 -5.10 -13.30 17.43
C SER A 442 -6.06 -13.54 18.58
N THR A 443 -5.55 -13.44 19.82
CA THR A 443 -6.38 -13.68 21.00
C THR A 443 -6.81 -12.40 21.72
N GLU A 444 -6.97 -11.33 20.96
CA GLU A 444 -7.40 -10.07 21.56
C GLU A 444 -8.67 -9.66 20.85
N PRO A 445 -9.43 -8.71 21.42
CA PRO A 445 -10.66 -8.30 20.75
C PRO A 445 -10.31 -7.32 19.64
N GLN A 446 -11.18 -7.18 18.65
CA GLN A 446 -10.89 -6.25 17.56
C GLN A 446 -10.80 -4.83 18.13
N GLN A 448 -11.50 -2.13 21.53
CA GLN A 448 -11.50 -2.11 22.99
C GLN A 448 -12.89 -2.34 23.58
#